data_1PVV
#
_entry.id   1PVV
#
_cell.length_a   184.777
_cell.length_b   184.777
_cell.length_c   184.777
_cell.angle_alpha   90.00
_cell.angle_beta   90.00
_cell.angle_gamma   90.00
#
_symmetry.space_group_name_H-M   'F 2 3'
#
loop_
_entity.id
_entity.type
_entity.pdbx_description
1 polymer 'Ornithine carbamoyltransferase'
2 non-polymer 'SULFATE ION'
3 water water
#
_entity_poly.entity_id   1
_entity_poly.type   'polypeptide(L)'
_entity_poly.pdbx_seq_one_letter_code
;MVVSLAGRDLLCLQDYTAEEIWTILETAKMFKIWQKIGKPHRLLEGKTLAMIFQKPSTRTRVSFEVAMAHLGGHALYLNA
QDLQLRRGETIADTARVLSRYVDAIMARVYDHKDVEDLAKYATVPVINGLSDFSHPCQALADYMTIWEKKGTIKGVKVVY
VGDGNNVAHSLMIAGTKLGADVVVATPEGYEPDEKVIKWAEQNAAESGGSFELLHDPVKAVKDADVIYTDVWASMGQEAE
AEERRKIFRPFQVNKDLVKHAKPDYMFMHCLPAHRGEEVTDDVIDSPNSVVWDQAENRLHAQKAVLALVMGGIKF
;
_entity_poly.pdbx_strand_id   A
#
# COMPACT_ATOMS: atom_id res chain seq x y z
N VAL A 2 -21.41 -0.57 4.44
CA VAL A 2 -20.29 -0.92 5.30
C VAL A 2 -20.59 -2.26 5.94
N VAL A 3 -19.52 -3.03 6.17
CA VAL A 3 -19.69 -4.36 6.72
C VAL A 3 -18.63 -4.59 7.78
N SER A 4 -18.81 -5.60 8.62
CA SER A 4 -17.81 -5.88 9.64
C SER A 4 -16.51 -6.45 9.09
N LEU A 5 -15.39 -6.06 9.70
CA LEU A 5 -14.09 -6.59 9.38
C LEU A 5 -13.49 -7.16 10.65
N ALA A 6 -14.34 -7.30 11.66
CA ALA A 6 -13.87 -7.78 12.97
C ALA A 6 -13.08 -9.07 12.85
N GLY A 7 -11.87 -9.11 13.40
CA GLY A 7 -11.09 -10.33 13.38
C GLY A 7 -10.35 -10.62 12.10
N ARG A 8 -10.50 -9.82 11.04
CA ARG A 8 -9.87 -10.11 9.76
C ARG A 8 -8.38 -9.80 9.69
N ASP A 9 -7.68 -10.67 8.94
CA ASP A 9 -6.33 -10.44 8.46
C ASP A 9 -6.36 -9.51 7.26
N LEU A 10 -5.26 -8.78 7.06
CA LEU A 10 -5.11 -7.91 5.89
C LEU A 10 -3.74 -8.21 5.27
N LEU A 11 -3.73 -9.17 4.37
CA LEU A 11 -2.53 -9.70 3.72
C LEU A 11 -2.40 -9.18 2.30
N CYS A 12 -3.57 -9.24 1.66
CA CYS A 12 -3.75 -8.90 0.25
C CYS A 12 -5.20 -8.48 0.04
N LEU A 13 -5.43 -7.45 -0.75
CA LEU A 13 -6.77 -6.89 -0.95
C LEU A 13 -7.61 -7.74 -1.89
N GLN A 14 -7.00 -8.77 -2.51
CA GLN A 14 -7.81 -9.56 -3.44
C GLN A 14 -8.90 -10.31 -2.70
N ASP A 15 -8.69 -10.60 -1.41
CA ASP A 15 -9.77 -11.27 -0.69
C ASP A 15 -10.70 -10.28 0.02
N TYR A 16 -10.72 -9.03 -0.40
CA TYR A 16 -11.63 -8.02 0.13
C TYR A 16 -12.67 -7.64 -0.92
N THR A 17 -13.90 -7.44 -0.50
CA THR A 17 -14.91 -6.93 -1.43
C THR A 17 -14.76 -5.42 -1.60
N ALA A 18 -15.36 -4.85 -2.64
CA ALA A 18 -15.33 -3.40 -2.83
C ALA A 18 -15.98 -2.73 -1.61
N GLU A 19 -17.03 -3.36 -1.08
CA GLU A 19 -17.72 -2.71 0.05
C GLU A 19 -16.83 -2.75 1.29
N GLU A 20 -16.06 -3.82 1.45
CA GLU A 20 -15.15 -3.91 2.60
C GLU A 20 -14.06 -2.85 2.52
N ILE A 21 -13.58 -2.57 1.30
CA ILE A 21 -12.60 -1.49 1.12
C ILE A 21 -13.27 -0.15 1.37
N TRP A 22 -14.49 0.06 0.90
CA TRP A 22 -15.13 1.36 1.15
C TRP A 22 -15.35 1.55 2.64
N THR A 23 -15.55 0.44 3.35
CA THR A 23 -15.75 0.53 4.80
C THR A 23 -14.52 1.14 5.45
N ILE A 24 -13.36 0.67 4.99
CA ILE A 24 -12.11 1.22 5.51
C ILE A 24 -12.02 2.69 5.11
N LEU A 25 -12.29 3.02 3.85
CA LEU A 25 -12.10 4.41 3.44
C LEU A 25 -13.08 5.36 4.13
N GLU A 26 -14.34 4.92 4.26
CA GLU A 26 -15.30 5.81 4.95
C GLU A 26 -14.89 6.04 6.41
N THR A 27 -14.49 4.96 7.07
CA THR A 27 -14.06 5.08 8.46
C THR A 27 -12.83 5.95 8.57
N ALA A 28 -11.91 5.78 7.59
CA ALA A 28 -10.69 6.59 7.57
C ALA A 28 -10.99 8.08 7.39
N LYS A 29 -11.92 8.43 6.53
CA LYS A 29 -12.28 9.84 6.40
C LYS A 29 -12.88 10.42 7.67
N MET A 30 -13.71 9.62 8.35
CA MET A 30 -14.30 10.09 9.61
C MET A 30 -13.19 10.31 10.63
N PHE A 31 -12.28 9.35 10.78
CA PHE A 31 -11.14 9.55 11.69
C PHE A 31 -10.30 10.76 11.33
N LYS A 32 -10.07 10.96 10.03
CA LYS A 32 -9.25 12.12 9.63
C LYS A 32 -9.90 13.45 9.96
N ILE A 33 -11.21 13.56 9.71
CA ILE A 33 -11.90 14.80 10.11
C ILE A 33 -11.84 14.99 11.62
N TRP A 34 -12.07 13.92 12.39
CA TRP A 34 -11.94 14.00 13.84
C TRP A 34 -10.56 14.50 14.26
N GLN A 35 -9.53 13.94 13.61
CA GLN A 35 -8.17 14.38 13.90
C GLN A 35 -8.00 15.85 13.58
N LYS A 36 -8.55 16.34 12.46
CA LYS A 36 -8.34 17.75 12.17
C LYS A 36 -9.10 18.66 13.13
N ILE A 37 -10.21 18.20 13.71
CA ILE A 37 -10.99 19.12 14.55
C ILE A 37 -10.67 18.94 16.04
N GLY A 38 -9.84 17.96 16.34
CA GLY A 38 -9.33 17.71 17.69
C GLY A 38 -10.23 16.84 18.51
N LYS A 39 -11.03 16.02 17.85
CA LYS A 39 -11.92 15.16 18.63
C LYS A 39 -11.17 13.87 18.98
N PRO A 40 -10.97 13.58 20.26
CA PRO A 40 -10.23 12.37 20.63
C PRO A 40 -11.02 11.13 20.25
N HIS A 41 -10.31 10.00 20.10
CA HIS A 41 -10.96 8.75 19.74
C HIS A 41 -10.12 7.57 20.21
N ARG A 42 -9.92 7.48 21.52
CA ARG A 42 -9.10 6.40 22.09
C ARG A 42 -9.91 5.13 22.15
N LEU A 43 -10.22 4.57 20.99
CA LEU A 43 -11.11 3.42 20.88
C LEU A 43 -10.46 2.09 21.19
N LEU A 44 -9.13 2.01 21.29
CA LEU A 44 -8.44 0.73 21.53
C LEU A 44 -7.63 0.83 22.80
N GLU A 45 -8.20 1.49 23.81
CA GLU A 45 -7.47 1.62 25.06
C GLU A 45 -7.09 0.28 25.66
N GLY A 46 -5.82 0.11 26.06
CA GLY A 46 -5.37 -1.16 26.63
C GLY A 46 -5.05 -2.18 25.57
N LYS A 47 -5.23 -1.88 24.28
CA LYS A 47 -4.94 -2.93 23.29
C LYS A 47 -3.52 -2.80 22.78
N THR A 48 -2.95 -3.90 22.27
CA THR A 48 -1.56 -3.78 21.80
C THR A 48 -1.40 -4.44 20.43
N LEU A 49 -0.46 -3.91 19.66
CA LEU A 49 -0.14 -4.33 18.31
C LEU A 49 1.31 -4.77 18.23
N ALA A 50 1.57 -6.05 17.94
CA ALA A 50 3.00 -6.40 17.80
C ALA A 50 3.49 -6.04 16.40
N MET A 51 4.47 -5.15 16.24
CA MET A 51 4.97 -4.82 14.92
C MET A 51 6.27 -5.58 14.63
N ILE A 52 6.23 -6.52 13.68
CA ILE A 52 7.46 -7.28 13.41
C ILE A 52 8.15 -6.76 12.16
N PHE A 53 9.38 -6.26 12.29
CA PHE A 53 10.08 -5.68 11.14
C PHE A 53 11.35 -6.44 10.77
N GLN A 54 11.49 -6.70 9.49
CA GLN A 54 12.62 -7.37 8.89
C GLN A 54 13.51 -6.40 8.10
N LYS A 55 12.98 -5.22 7.85
CA LYS A 55 13.68 -4.20 7.09
C LYS A 55 13.53 -2.82 7.72
N PRO A 56 14.46 -1.91 7.45
CA PRO A 56 14.27 -0.49 7.77
C PRO A 56 12.92 0.01 7.28
N SER A 57 12.33 0.91 8.06
CA SER A 57 11.03 1.46 7.67
C SER A 57 10.83 2.81 8.36
N THR A 58 10.38 3.79 7.60
CA THR A 58 9.92 5.08 8.08
C THR A 58 8.39 5.16 8.06
N ARG A 59 7.76 5.00 6.90
CA ARG A 59 6.32 5.16 6.75
C ARG A 59 5.53 4.08 7.47
N THR A 60 5.83 2.81 7.20
CA THR A 60 5.07 1.72 7.84
C THR A 60 5.27 1.73 9.36
N ARG A 61 6.50 1.91 9.79
CA ARG A 61 6.86 2.01 11.20
C ARG A 61 6.08 3.11 11.90
N VAL A 62 6.27 4.36 11.44
CA VAL A 62 5.68 5.36 12.34
C VAL A 62 4.19 5.56 12.08
N SER A 63 3.63 5.33 10.90
CA SER A 63 2.17 5.41 10.72
C SER A 63 1.45 4.35 11.57
N PHE A 64 2.00 3.14 11.74
CA PHE A 64 1.31 2.19 12.61
C PHE A 64 1.52 2.57 14.08
N GLU A 65 2.72 3.04 14.40
CA GLU A 65 3.00 3.30 15.81
C GLU A 65 2.18 4.51 16.26
N VAL A 66 2.08 5.54 15.44
CA VAL A 66 1.25 6.70 15.76
C VAL A 66 -0.21 6.31 15.78
N ALA A 67 -0.68 5.50 14.84
CA ALA A 67 -2.07 5.10 14.83
C ALA A 67 -2.46 4.43 16.16
N MET A 68 -1.66 3.53 16.70
CA MET A 68 -2.01 2.90 17.98
C MET A 68 -2.01 3.95 19.09
N ALA A 69 -1.08 4.89 19.09
CA ALA A 69 -1.07 5.92 20.12
C ALA A 69 -2.36 6.75 20.10
N HIS A 70 -2.79 7.20 18.92
CA HIS A 70 -4.02 7.98 18.78
C HIS A 70 -5.22 7.18 19.28
N LEU A 71 -5.21 5.87 18.99
CA LEU A 71 -6.34 5.03 19.37
C LEU A 71 -6.26 4.61 20.83
N GLY A 72 -5.27 5.12 21.58
CA GLY A 72 -5.26 4.77 23.00
C GLY A 72 -4.55 3.46 23.31
N GLY A 73 -3.99 2.74 22.35
CA GLY A 73 -3.34 1.47 22.73
C GLY A 73 -1.83 1.62 22.57
N HIS A 74 -1.11 0.53 22.29
CA HIS A 74 0.35 0.56 22.30
C HIS A 74 0.89 -0.37 21.20
N ALA A 75 1.72 0.15 20.31
CA ALA A 75 2.44 -0.69 19.34
C ALA A 75 3.82 -1.06 19.89
N LEU A 76 4.24 -2.30 19.76
CA LEU A 76 5.55 -2.77 20.13
C LEU A 76 6.41 -2.84 18.85
N TYR A 77 7.57 -2.20 18.91
CA TYR A 77 8.45 -2.25 17.74
C TYR A 77 9.41 -3.42 17.96
N LEU A 78 9.19 -4.47 17.20
CA LEU A 78 9.87 -5.75 17.33
C LEU A 78 10.70 -5.95 16.07
N ASN A 79 11.96 -5.49 16.13
CA ASN A 79 12.83 -5.86 15.02
C ASN A 79 13.05 -7.37 15.05
N ALA A 80 12.80 -8.07 13.94
CA ALA A 80 12.92 -9.53 13.96
C ALA A 80 14.28 -10.02 14.44
N GLN A 81 15.32 -9.20 14.36
CA GLN A 81 16.65 -9.44 14.86
C GLN A 81 16.67 -9.39 16.39
N ASP A 82 15.69 -8.74 17.00
CA ASP A 82 15.63 -8.63 18.45
C ASP A 82 14.75 -9.70 19.10
N LEU A 83 14.07 -10.49 18.28
CA LEU A 83 13.24 -11.60 18.70
C LEU A 83 13.98 -12.93 18.64
N GLN A 84 13.38 -13.97 19.23
CA GLN A 84 13.99 -15.30 19.18
C GLN A 84 13.77 -15.96 17.82
N LEU A 85 13.07 -15.28 16.92
CA LEU A 85 13.07 -15.68 15.52
C LEU A 85 14.53 -15.77 15.05
N ARG A 86 15.30 -14.77 15.48
CA ARG A 86 16.68 -14.66 15.04
C ARG A 86 17.47 -15.93 15.35
N ARG A 87 17.16 -16.49 16.52
CA ARG A 87 17.87 -17.64 17.04
C ARG A 87 17.14 -18.94 16.72
N GLY A 88 16.24 -18.98 15.74
CA GLY A 88 15.66 -20.26 15.35
C GLY A 88 14.23 -20.55 15.71
N GLU A 89 13.59 -19.84 16.64
CA GLU A 89 12.20 -20.15 16.94
C GLU A 89 11.32 -20.07 15.70
N THR A 90 10.42 -21.03 15.50
CA THR A 90 9.63 -21.03 14.28
C THR A 90 8.62 -19.88 14.26
N ILE A 91 8.25 -19.52 13.03
CA ILE A 91 7.22 -18.51 12.81
C ILE A 91 5.94 -18.96 13.51
N ALA A 92 5.50 -20.20 13.24
CA ALA A 92 4.30 -20.73 13.85
C ALA A 92 4.29 -20.54 15.37
N ASP A 93 5.38 -20.93 16.03
CA ASP A 93 5.52 -20.79 17.47
C ASP A 93 5.59 -19.32 17.88
N THR A 94 6.18 -18.41 17.11
CA THR A 94 6.13 -17.03 17.64
C THR A 94 4.75 -16.44 17.42
N ALA A 95 4.04 -16.81 16.37
CA ALA A 95 2.68 -16.33 16.17
C ALA A 95 1.79 -16.80 17.30
N ARG A 96 2.00 -18.05 17.68
CA ARG A 96 1.26 -18.66 18.78
C ARG A 96 1.54 -17.97 20.11
N VAL A 97 2.82 -17.72 20.42
CA VAL A 97 3.06 -17.12 21.73
C VAL A 97 2.57 -15.67 21.69
N LEU A 98 2.85 -14.95 20.61
CA LEU A 98 2.38 -13.56 20.53
C LEU A 98 0.88 -13.44 20.72
N SER A 99 0.13 -14.39 20.16
CA SER A 99 -1.32 -14.44 20.29
C SER A 99 -1.80 -14.48 21.74
N ARG A 100 -0.93 -14.88 22.66
CA ARG A 100 -1.35 -14.91 24.07
C ARG A 100 -1.05 -13.57 24.75
N TYR A 101 -0.38 -12.67 24.03
CA TYR A 101 -0.03 -11.38 24.62
C TYR A 101 -0.66 -10.16 23.95
N VAL A 102 -0.68 -10.12 22.63
CA VAL A 102 -1.14 -8.92 21.92
C VAL A 102 -2.50 -9.14 21.26
N ASP A 103 -3.05 -8.07 20.68
CA ASP A 103 -4.39 -8.14 20.10
C ASP A 103 -4.35 -8.09 18.59
N ALA A 104 -3.19 -7.79 18.01
CA ALA A 104 -3.09 -7.88 16.55
C ALA A 104 -1.58 -7.93 16.26
N ILE A 105 -1.20 -8.30 15.05
CA ILE A 105 0.22 -8.35 14.69
C ILE A 105 0.36 -7.65 13.35
N MET A 106 1.32 -6.78 13.19
CA MET A 106 1.56 -6.23 11.85
C MET A 106 2.96 -6.71 11.48
N ALA A 107 3.12 -7.25 10.27
CA ALA A 107 4.47 -7.70 9.88
C ALA A 107 4.93 -6.98 8.61
N ARG A 108 6.19 -6.58 8.63
CA ARG A 108 6.99 -5.97 7.59
C ARG A 108 8.19 -6.92 7.42
N VAL A 109 8.05 -7.70 6.37
CA VAL A 109 8.70 -8.92 5.99
C VAL A 109 9.17 -8.92 4.54
N TYR A 110 10.12 -9.80 4.24
CA TYR A 110 10.60 -10.07 2.89
C TYR A 110 9.58 -10.96 2.18
N ASP A 111 9.60 -12.23 2.61
CA ASP A 111 8.77 -13.25 1.96
C ASP A 111 7.33 -13.23 2.43
N HIS A 112 6.45 -13.01 1.46
CA HIS A 112 5.02 -12.98 1.76
C HIS A 112 4.61 -14.25 2.50
N LYS A 113 5.24 -15.39 2.20
CA LYS A 113 4.88 -16.62 2.89
C LYS A 113 5.08 -16.52 4.39
N ASP A 114 5.99 -15.64 4.77
CA ASP A 114 6.28 -15.41 6.17
C ASP A 114 5.08 -14.74 6.83
N VAL A 115 4.47 -13.75 6.15
CA VAL A 115 3.30 -13.19 6.86
C VAL A 115 2.04 -14.01 6.62
N GLU A 116 2.03 -14.86 5.58
CA GLU A 116 0.89 -15.76 5.46
C GLU A 116 0.92 -16.77 6.58
N ASP A 117 2.12 -17.24 6.95
CA ASP A 117 2.26 -18.19 8.05
C ASP A 117 1.90 -17.55 9.40
N LEU A 118 2.33 -16.30 9.54
CA LEU A 118 1.94 -15.54 10.73
C LEU A 118 0.41 -15.59 10.83
N ALA A 119 -0.30 -15.27 9.74
CA ALA A 119 -1.76 -15.22 9.83
C ALA A 119 -2.35 -16.59 10.15
N LYS A 120 -1.73 -17.60 9.55
CA LYS A 120 -2.19 -18.98 9.68
C LYS A 120 -2.13 -19.42 11.13
N TYR A 121 -0.99 -19.19 11.78
CA TYR A 121 -0.84 -19.67 13.15
C TYR A 121 -1.30 -18.71 14.22
N ALA A 122 -1.48 -17.42 13.94
CA ALA A 122 -1.88 -16.51 15.03
C ALA A 122 -3.38 -16.55 15.21
N THR A 123 -3.89 -16.40 16.42
CA THR A 123 -5.33 -16.33 16.62
C THR A 123 -5.81 -14.88 16.74
N VAL A 124 -4.93 -13.94 16.40
CA VAL A 124 -5.33 -12.53 16.33
C VAL A 124 -5.12 -12.04 14.90
N PRO A 125 -5.70 -10.92 14.54
CA PRO A 125 -5.51 -10.44 13.16
C PRO A 125 -4.05 -10.15 12.86
N VAL A 126 -3.66 -10.47 11.64
CA VAL A 126 -2.33 -10.16 11.14
C VAL A 126 -2.44 -9.26 9.92
N ILE A 127 -1.70 -8.17 9.94
CA ILE A 127 -1.68 -7.15 8.90
C ILE A 127 -0.29 -7.14 8.26
N ASN A 128 -0.30 -7.28 6.93
CA ASN A 128 0.90 -7.16 6.11
C ASN A 128 1.26 -5.70 5.94
N GLY A 129 2.32 -5.22 6.59
CA GLY A 129 2.67 -3.80 6.48
C GLY A 129 3.55 -3.52 5.27
N LEU A 130 3.93 -4.60 4.60
CA LEU A 130 4.70 -4.63 3.37
C LEU A 130 5.38 -5.98 3.18
N SER A 131 5.24 -6.57 2.00
CA SER A 131 5.94 -7.80 1.66
C SER A 131 6.48 -7.71 0.24
N ASP A 132 7.25 -8.71 -0.18
CA ASP A 132 7.71 -8.61 -1.57
C ASP A 132 6.53 -8.71 -2.52
N PHE A 133 5.44 -9.32 -2.07
CA PHE A 133 4.28 -9.52 -2.95
C PHE A 133 3.26 -8.40 -2.94
N SER A 134 3.02 -7.73 -1.81
CA SER A 134 1.94 -6.74 -1.82
C SER A 134 2.09 -5.72 -0.69
N HIS A 135 1.38 -4.62 -0.83
CA HIS A 135 1.44 -3.49 0.09
C HIS A 135 0.03 -2.92 0.28
N PRO A 136 -0.83 -3.71 0.90
CA PRO A 136 -2.26 -3.37 0.91
C PRO A 136 -2.55 -2.05 1.62
N CYS A 137 -1.88 -1.76 2.74
CA CYS A 137 -2.14 -0.49 3.41
C CYS A 137 -1.71 0.70 2.58
N GLN A 138 -0.71 0.51 1.69
CA GLN A 138 -0.38 1.63 0.82
C GLN A 138 -1.50 1.88 -0.18
N ALA A 139 -2.05 0.79 -0.77
CA ALA A 139 -3.15 0.95 -1.70
C ALA A 139 -4.37 1.60 -1.05
N LEU A 140 -4.64 1.23 0.21
CA LEU A 140 -5.78 1.88 0.89
C LEU A 140 -5.55 3.38 0.98
N ALA A 141 -4.35 3.77 1.40
CA ALA A 141 -4.01 5.19 1.46
C ALA A 141 -4.10 5.82 0.07
N ASP A 142 -3.63 5.04 -0.91
CA ASP A 142 -3.56 5.62 -2.25
C ASP A 142 -4.94 5.93 -2.78
N TYR A 143 -5.86 4.96 -2.67
CA TYR A 143 -7.19 5.26 -3.18
C TYR A 143 -7.97 6.14 -2.24
N MET A 144 -7.54 6.25 -0.97
CA MET A 144 -8.22 7.28 -0.16
C MET A 144 -7.93 8.65 -0.76
N THR A 145 -6.68 8.86 -1.13
CA THR A 145 -6.17 10.13 -1.62
C THR A 145 -6.86 10.50 -2.94
N ILE A 146 -6.94 9.49 -3.82
CA ILE A 146 -7.66 9.65 -5.09
C ILE A 146 -9.12 9.99 -4.86
N TRP A 147 -9.80 9.29 -3.97
CA TRP A 147 -11.19 9.65 -3.66
C TRP A 147 -11.28 11.08 -3.18
N GLU A 148 -10.32 11.47 -2.33
CA GLU A 148 -10.36 12.82 -1.79
C GLU A 148 -10.12 13.88 -2.85
N LYS A 149 -9.15 13.66 -3.73
CA LYS A 149 -8.85 14.68 -4.73
C LYS A 149 -9.79 14.67 -5.94
N LYS A 150 -10.30 13.51 -6.33
CA LYS A 150 -11.19 13.47 -7.50
C LYS A 150 -12.66 13.33 -7.13
N GLY A 151 -12.94 13.06 -5.85
CA GLY A 151 -14.32 12.94 -5.45
C GLY A 151 -14.91 11.58 -5.76
N THR A 152 -14.11 10.74 -6.40
CA THR A 152 -14.62 9.43 -6.82
C THR A 152 -13.44 8.56 -7.21
N ILE A 153 -13.67 7.27 -7.43
CA ILE A 153 -12.63 6.37 -7.90
C ILE A 153 -13.03 5.69 -9.20
N LYS A 154 -14.31 5.36 -9.28
CA LYS A 154 -14.83 4.69 -10.47
C LYS A 154 -14.51 5.52 -11.71
N GLY A 155 -13.88 4.86 -12.67
CA GLY A 155 -13.58 5.54 -13.91
C GLY A 155 -12.44 6.52 -13.86
N VAL A 156 -11.73 6.66 -12.73
CA VAL A 156 -10.60 7.59 -12.91
C VAL A 156 -9.45 6.76 -13.47
N LYS A 157 -8.63 7.44 -14.27
CA LYS A 157 -7.59 6.71 -15.00
C LYS A 157 -6.27 6.85 -14.23
N VAL A 158 -5.85 5.70 -13.73
CA VAL A 158 -4.78 5.58 -12.77
C VAL A 158 -3.57 4.92 -13.40
N VAL A 159 -2.50 5.66 -13.68
CA VAL A 159 -1.44 4.97 -14.43
C VAL A 159 -0.15 4.78 -13.68
N TYR A 160 0.28 3.53 -13.51
CA TYR A 160 1.56 3.24 -12.91
C TYR A 160 2.67 3.00 -13.93
N VAL A 161 3.79 3.70 -13.79
CA VAL A 161 4.92 3.37 -14.67
C VAL A 161 6.13 2.99 -13.83
N GLY A 162 6.80 1.90 -14.21
CA GLY A 162 8.01 1.52 -13.49
C GLY A 162 8.10 0.03 -13.30
N ASP A 163 8.67 -0.43 -12.19
CA ASP A 163 8.80 -1.85 -11.93
C ASP A 163 7.50 -2.47 -11.44
N GLY A 164 7.03 -3.52 -12.12
CA GLY A 164 5.81 -4.18 -11.68
C GLY A 164 6.00 -4.84 -10.33
N ASN A 165 6.04 -4.08 -9.24
CA ASN A 165 6.31 -4.72 -7.96
C ASN A 165 5.10 -4.79 -7.02
N ASN A 166 5.43 -5.02 -5.75
CA ASN A 166 4.46 -5.18 -4.68
C ASN A 166 3.46 -4.04 -4.65
N VAL A 167 3.89 -2.77 -4.68
CA VAL A 167 2.85 -1.75 -4.62
C VAL A 167 2.11 -1.63 -5.95
N ALA A 168 2.71 -2.07 -7.07
CA ALA A 168 1.91 -2.07 -8.30
C ALA A 168 0.80 -3.11 -8.24
N HIS A 169 1.13 -4.26 -7.67
CA HIS A 169 0.12 -5.31 -7.47
C HIS A 169 -1.10 -4.74 -6.74
N SER A 170 -0.83 -4.10 -5.61
CA SER A 170 -1.84 -3.54 -4.73
C SER A 170 -2.60 -2.42 -5.39
N LEU A 171 -1.87 -1.55 -6.09
CA LEU A 171 -2.48 -0.50 -6.90
C LEU A 171 -3.47 -1.10 -7.90
N MET A 172 -3.04 -2.14 -8.61
CA MET A 172 -3.84 -2.87 -9.57
C MET A 172 -5.08 -3.52 -8.98
N ILE A 173 -4.87 -4.26 -7.89
CA ILE A 173 -5.98 -4.99 -7.29
C ILE A 173 -7.04 -4.09 -6.70
N ALA A 174 -6.61 -3.09 -5.92
CA ALA A 174 -7.60 -2.23 -5.26
C ALA A 174 -8.33 -1.41 -6.32
N GLY A 175 -7.54 -0.95 -7.29
CA GLY A 175 -8.12 -0.11 -8.34
C GLY A 175 -9.22 -0.87 -9.07
N THR A 176 -8.93 -2.13 -9.42
CA THR A 176 -9.92 -2.92 -10.16
C THR A 176 -11.05 -3.39 -9.27
N LYS A 177 -10.85 -3.55 -7.97
CA LYS A 177 -12.03 -3.82 -7.13
C LYS A 177 -13.00 -2.64 -7.08
N LEU A 178 -12.48 -1.42 -7.13
CA LEU A 178 -13.22 -0.19 -6.94
C LEU A 178 -13.74 0.40 -8.26
N GLY A 179 -13.49 -0.27 -9.38
CA GLY A 179 -13.95 0.20 -10.67
C GLY A 179 -13.09 1.20 -11.38
N ALA A 180 -11.82 1.35 -10.98
CA ALA A 180 -11.04 2.39 -11.66
C ALA A 180 -10.47 1.88 -12.98
N ASP A 181 -9.96 2.82 -13.76
CA ASP A 181 -9.30 2.36 -15.00
C ASP A 181 -7.80 2.35 -14.80
N VAL A 182 -7.28 1.14 -14.54
CA VAL A 182 -5.89 0.98 -14.21
C VAL A 182 -5.06 0.57 -15.44
N VAL A 183 -3.92 1.23 -15.56
CA VAL A 183 -2.92 0.81 -16.55
C VAL A 183 -1.54 0.85 -15.91
N VAL A 184 -0.79 -0.21 -16.18
CA VAL A 184 0.52 -0.49 -15.65
C VAL A 184 1.52 -0.62 -16.82
N ALA A 185 2.59 0.16 -16.82
CA ALA A 185 3.61 0.09 -17.86
C ALA A 185 5.00 -0.07 -17.25
N THR A 186 5.60 -1.21 -17.52
CA THR A 186 6.90 -1.66 -17.10
C THR A 186 7.88 -1.92 -18.24
N PRO A 187 9.17 -1.79 -17.98
CA PRO A 187 10.17 -2.37 -18.91
C PRO A 187 9.80 -3.82 -19.21
N GLU A 188 10.12 -4.27 -20.42
CA GLU A 188 9.57 -5.50 -20.94
C GLU A 188 9.73 -6.70 -20.04
N GLY A 189 10.81 -6.95 -19.30
CA GLY A 189 10.68 -8.17 -18.46
C GLY A 189 10.25 -7.87 -17.04
N TYR A 190 9.76 -6.65 -16.78
CA TYR A 190 9.59 -6.28 -15.37
C TYR A 190 8.13 -5.98 -15.05
N GLU A 191 7.26 -6.93 -15.34
CA GLU A 191 5.81 -6.73 -15.21
C GLU A 191 5.23 -7.34 -13.95
N PRO A 192 4.01 -6.98 -13.57
CA PRO A 192 3.40 -7.59 -12.39
C PRO A 192 3.21 -9.08 -12.55
N ASP A 193 3.11 -9.80 -11.44
CA ASP A 193 2.84 -11.24 -11.49
C ASP A 193 1.61 -11.52 -12.37
N GLU A 194 1.63 -12.64 -13.08
CA GLU A 194 0.53 -12.89 -14.01
C GLU A 194 -0.74 -13.30 -13.26
N LYS A 195 -0.57 -13.84 -12.07
CA LYS A 195 -1.69 -14.16 -11.19
C LYS A 195 -2.46 -12.89 -10.84
N VAL A 196 -1.68 -11.84 -10.58
CA VAL A 196 -2.27 -10.56 -10.23
C VAL A 196 -2.89 -9.85 -11.42
N ILE A 197 -2.24 -9.93 -12.59
CA ILE A 197 -2.85 -9.34 -13.78
C ILE A 197 -4.22 -9.94 -14.04
N LYS A 198 -4.34 -11.26 -13.89
CA LYS A 198 -5.64 -11.87 -14.18
C LYS A 198 -6.64 -11.56 -13.07
N TRP A 199 -6.18 -11.54 -11.81
CA TRP A 199 -7.04 -11.04 -10.74
C TRP A 199 -7.58 -9.65 -11.11
N ALA A 200 -6.65 -8.79 -11.53
CA ALA A 200 -7.06 -7.46 -11.96
C ALA A 200 -8.14 -7.52 -13.03
N GLU A 201 -7.98 -8.42 -14.01
CA GLU A 201 -8.91 -8.51 -15.14
C GLU A 201 -10.27 -9.02 -14.71
N GLN A 202 -10.26 -10.09 -13.90
CA GLN A 202 -11.57 -10.52 -13.38
C GLN A 202 -12.17 -9.38 -12.55
N ASN A 203 -11.37 -8.71 -11.72
CA ASN A 203 -11.92 -7.65 -10.88
C ASN A 203 -12.59 -6.57 -11.71
N ALA A 204 -11.91 -6.16 -12.80
CA ALA A 204 -12.45 -5.06 -13.59
C ALA A 204 -13.70 -5.50 -14.34
N ALA A 205 -13.67 -6.75 -14.78
CA ALA A 205 -14.83 -7.35 -15.42
C ALA A 205 -16.05 -7.27 -14.51
N GLU A 206 -15.85 -7.50 -13.21
CA GLU A 206 -16.97 -7.49 -12.30
C GLU A 206 -17.30 -6.08 -11.83
N SER A 207 -16.29 -5.24 -11.66
CA SER A 207 -16.51 -3.90 -11.11
C SER A 207 -16.90 -2.90 -12.19
N GLY A 208 -16.67 -3.34 -13.45
CA GLY A 208 -16.86 -2.40 -14.53
C GLY A 208 -15.67 -1.47 -14.67
N GLY A 209 -14.54 -1.74 -14.01
CA GLY A 209 -13.40 -0.84 -14.24
C GLY A 209 -12.57 -1.45 -15.37
N SER A 210 -11.27 -1.18 -15.42
CA SER A 210 -10.47 -1.80 -16.49
C SER A 210 -9.00 -1.89 -16.10
N PHE A 211 -8.31 -2.93 -16.59
CA PHE A 211 -6.88 -3.02 -16.41
C PHE A 211 -6.20 -3.02 -17.78
N GLU A 212 -4.98 -2.50 -17.87
CA GLU A 212 -4.28 -2.51 -19.16
C GLU A 212 -2.78 -2.47 -18.94
N LEU A 213 -2.06 -3.41 -19.51
CA LEU A 213 -0.63 -3.60 -19.35
C LEU A 213 0.14 -3.22 -20.62
N LEU A 214 0.64 -2.01 -20.70
CA LEU A 214 1.47 -1.45 -21.76
C LEU A 214 2.95 -1.64 -21.50
N HIS A 215 3.79 -1.06 -22.37
CA HIS A 215 5.24 -1.07 -22.17
C HIS A 215 5.86 0.25 -22.65
N ASP A 216 4.98 1.18 -23.02
CA ASP A 216 5.37 2.52 -23.40
C ASP A 216 4.79 3.51 -22.39
N PRO A 217 5.62 3.99 -21.47
CA PRO A 217 5.14 4.92 -20.44
C PRO A 217 4.45 6.12 -21.08
N VAL A 218 5.00 6.63 -22.18
CA VAL A 218 4.38 7.81 -22.78
C VAL A 218 3.00 7.44 -23.29
N LYS A 219 2.86 6.17 -23.66
CA LYS A 219 1.59 5.68 -24.17
C LYS A 219 0.59 5.55 -23.02
N ALA A 220 1.00 4.86 -21.98
CA ALA A 220 0.28 4.67 -20.73
C ALA A 220 -0.33 5.94 -20.17
N VAL A 221 0.49 6.98 -19.99
CA VAL A 221 0.03 8.13 -19.20
C VAL A 221 -0.96 9.02 -19.91
N LYS A 222 -1.33 8.74 -21.16
CA LYS A 222 -2.12 9.71 -21.92
C LYS A 222 -3.46 10.01 -21.29
N ASP A 223 -3.68 11.30 -21.04
CA ASP A 223 -4.93 11.76 -20.44
C ASP A 223 -5.16 11.15 -19.06
N ALA A 224 -4.08 10.71 -18.41
CA ALA A 224 -4.18 10.10 -17.09
C ALA A 224 -4.71 11.06 -16.04
N ASP A 225 -5.42 10.48 -15.06
CA ASP A 225 -5.86 11.29 -13.93
C ASP A 225 -4.78 11.27 -12.86
N VAL A 226 -4.16 10.10 -12.76
CA VAL A 226 -3.03 9.94 -11.85
C VAL A 226 -1.87 9.28 -12.60
N ILE A 227 -0.67 9.78 -12.31
CA ILE A 227 0.53 9.04 -12.69
C ILE A 227 1.27 8.67 -11.41
N TYR A 228 1.56 7.40 -11.25
CA TYR A 228 2.15 6.76 -10.08
C TYR A 228 3.45 6.06 -10.40
N THR A 229 4.52 6.32 -9.64
CA THR A 229 5.68 5.44 -9.84
C THR A 229 6.28 5.05 -8.50
N ASP A 230 7.34 4.27 -8.53
CA ASP A 230 8.01 3.73 -7.35
C ASP A 230 9.49 3.53 -7.69
N VAL A 231 10.31 3.13 -6.73
CA VAL A 231 11.71 2.85 -7.04
C VAL A 231 11.85 1.68 -8.01
N TRP A 232 12.88 1.79 -8.85
CA TRP A 232 13.22 0.81 -9.89
C TRP A 232 13.66 -0.52 -9.31
N ALA A 233 13.58 -1.58 -10.12
CA ALA A 233 14.03 -2.89 -9.67
C ALA A 233 15.50 -2.85 -9.30
N SER A 234 15.79 -2.88 -8.01
CA SER A 234 17.17 -2.83 -7.53
C SER A 234 17.95 -4.01 -8.12
N MET A 235 17.25 -5.12 -8.21
CA MET A 235 17.72 -6.37 -8.79
C MET A 235 18.46 -6.10 -10.10
N GLY A 236 19.71 -6.56 -10.14
CA GLY A 236 20.58 -6.28 -11.27
C GLY A 236 21.25 -4.92 -11.04
N GLN A 237 21.42 -4.60 -9.77
CA GLN A 237 21.91 -3.35 -9.24
C GLN A 237 22.91 -2.65 -10.16
N GLU A 238 22.33 -2.02 -11.17
CA GLU A 238 23.07 -1.37 -12.24
C GLU A 238 24.21 -2.29 -12.69
N ALA A 239 23.83 -3.54 -12.86
CA ALA A 239 24.58 -4.72 -13.20
C ALA A 239 26.01 -4.40 -13.64
N GLU A 240 26.19 -4.31 -14.95
CA GLU A 240 27.47 -3.96 -15.56
C GLU A 240 28.07 -2.72 -14.90
N ALA A 241 27.20 -1.73 -14.73
CA ALA A 241 27.47 -0.44 -14.12
C ALA A 241 26.44 0.59 -14.59
N GLU A 242 25.38 0.11 -15.26
CA GLU A 242 24.38 1.04 -15.75
C GLU A 242 23.32 0.38 -16.62
N GLU A 243 23.08 -0.91 -16.47
CA GLU A 243 22.03 -1.59 -17.21
C GLU A 243 20.66 -1.26 -16.60
N ARG A 244 20.61 -1.23 -15.27
CA ARG A 244 19.39 -0.94 -14.54
C ARG A 244 18.81 0.40 -14.97
N ARG A 245 19.73 1.36 -15.13
CA ARG A 245 19.29 2.69 -15.54
C ARG A 245 18.73 2.70 -16.96
N LYS A 246 19.47 2.19 -17.94
CA LYS A 246 19.04 2.30 -19.33
C LYS A 246 17.70 1.65 -19.59
N ILE A 247 17.27 0.66 -18.81
CA ILE A 247 15.96 0.08 -19.09
C ILE A 247 14.83 0.75 -18.31
N PHE A 248 15.09 1.23 -17.10
CA PHE A 248 14.05 1.88 -16.30
C PHE A 248 14.03 3.38 -16.56
N ARG A 249 15.19 3.94 -16.88
CA ARG A 249 15.27 5.38 -17.11
C ARG A 249 14.27 5.90 -18.12
N PRO A 250 13.93 5.21 -19.21
CA PRO A 250 12.89 5.80 -20.07
C PRO A 250 11.55 5.84 -19.33
N PHE A 251 11.40 5.03 -18.30
CA PHE A 251 10.16 5.08 -17.52
C PHE A 251 10.23 6.11 -16.40
N GLN A 252 11.09 7.12 -16.50
CA GLN A 252 11.22 8.11 -15.43
C GLN A 252 10.17 9.21 -15.54
N VAL A 253 9.50 9.53 -14.41
CA VAL A 253 8.46 10.57 -14.44
C VAL A 253 9.10 11.95 -14.37
N ASN A 254 8.98 12.69 -15.48
CA ASN A 254 9.53 14.04 -15.55
C ASN A 254 8.52 14.96 -16.21
N LYS A 255 8.95 16.21 -16.39
CA LYS A 255 8.00 17.21 -16.92
C LYS A 255 7.52 16.86 -18.32
N ASP A 256 8.31 16.10 -19.07
CA ASP A 256 7.86 15.75 -20.42
C ASP A 256 6.85 14.63 -20.40
N LEU A 257 7.18 13.53 -19.73
CA LEU A 257 6.23 12.43 -19.58
C LEU A 257 4.89 12.94 -19.05
N VAL A 258 5.03 13.81 -18.05
CA VAL A 258 3.88 14.34 -17.31
C VAL A 258 3.03 15.22 -18.21
N LYS A 259 3.69 15.81 -19.19
CA LYS A 259 3.05 16.71 -20.14
C LYS A 259 1.77 16.10 -20.70
N HIS A 260 1.83 14.80 -20.99
CA HIS A 260 0.74 14.10 -21.65
C HIS A 260 -0.51 13.86 -20.81
N ALA A 261 -0.43 13.87 -19.49
CA ALA A 261 -1.61 13.54 -18.68
C ALA A 261 -2.55 14.73 -18.61
N LYS A 262 -3.74 14.53 -18.04
CA LYS A 262 -4.62 15.70 -17.87
C LYS A 262 -3.86 16.75 -17.06
N PRO A 263 -4.22 18.01 -17.27
CA PRO A 263 -3.51 19.09 -16.57
C PRO A 263 -3.67 18.97 -15.05
N ASP A 264 -4.84 18.53 -14.61
CA ASP A 264 -5.14 18.39 -13.19
C ASP A 264 -4.78 17.02 -12.65
N TYR A 265 -3.90 16.31 -13.34
CA TYR A 265 -3.47 14.98 -12.93
C TYR A 265 -2.81 15.01 -11.55
N MET A 266 -2.81 13.89 -10.84
CA MET A 266 -2.18 13.74 -9.54
C MET A 266 -0.86 12.99 -9.71
N PHE A 267 0.26 13.55 -9.24
CA PHE A 267 1.47 12.73 -9.20
C PHE A 267 1.54 11.97 -7.88
N MET A 268 1.62 10.66 -7.93
CA MET A 268 1.68 9.87 -6.70
C MET A 268 2.96 9.05 -6.67
N HIS A 269 3.46 8.77 -5.48
CA HIS A 269 4.62 7.93 -5.22
C HIS A 269 4.53 7.42 -3.78
N CYS A 270 4.62 6.12 -3.60
CA CYS A 270 4.49 5.55 -2.26
C CYS A 270 5.63 5.91 -1.32
N LEU A 271 6.74 6.39 -1.84
CA LEU A 271 7.94 6.70 -1.10
C LEU A 271 8.57 5.44 -0.51
N PRO A 272 9.85 5.46 -0.15
CA PRO A 272 10.76 6.60 -0.37
C PRO A 272 11.14 6.75 -1.85
N ALA A 273 11.40 7.98 -2.27
CA ALA A 273 11.79 8.24 -3.64
C ALA A 273 13.31 8.41 -3.75
N HIS A 274 13.79 7.97 -4.91
CA HIS A 274 15.18 8.21 -5.33
C HIS A 274 15.15 9.40 -6.27
N ARG A 275 15.34 10.61 -5.76
CA ARG A 275 15.24 11.76 -6.66
C ARG A 275 16.32 11.61 -7.76
N GLY A 276 15.96 11.96 -8.97
CA GLY A 276 16.73 11.93 -10.18
C GLY A 276 16.67 10.58 -10.87
N GLU A 277 16.01 9.61 -10.23
CA GLU A 277 15.84 8.30 -10.84
C GLU A 277 14.39 8.16 -11.31
N GLU A 278 13.52 7.46 -10.56
CA GLU A 278 12.15 7.21 -11.02
C GLU A 278 11.39 8.51 -11.19
N VAL A 279 11.86 9.55 -10.53
CA VAL A 279 11.18 10.85 -10.58
C VAL A 279 12.19 11.95 -10.36
N THR A 280 11.85 13.12 -10.89
CA THR A 280 12.69 14.31 -10.84
C THR A 280 12.19 15.28 -9.78
N ASP A 281 13.08 16.12 -9.25
CA ASP A 281 12.67 17.09 -8.24
C ASP A 281 11.48 17.92 -8.71
N ASP A 282 11.55 18.31 -9.98
CA ASP A 282 10.50 19.20 -10.50
C ASP A 282 9.14 18.55 -10.52
N VAL A 283 9.05 17.23 -10.66
CA VAL A 283 7.69 16.66 -10.64
C VAL A 283 7.24 16.46 -9.20
N ILE A 284 8.09 15.83 -8.40
CA ILE A 284 7.65 15.43 -7.06
C ILE A 284 7.39 16.66 -6.20
N ASP A 285 8.22 17.69 -6.36
CA ASP A 285 8.00 18.94 -5.65
C ASP A 285 7.03 19.83 -6.41
N SER A 286 6.41 19.29 -7.46
CA SER A 286 5.49 20.11 -8.25
C SER A 286 4.13 20.27 -7.59
N PRO A 287 3.41 21.33 -7.93
CA PRO A 287 2.07 21.55 -7.40
C PRO A 287 1.12 20.39 -7.66
N ASN A 288 1.39 19.61 -8.70
CA ASN A 288 0.52 18.49 -9.02
C ASN A 288 0.88 17.26 -8.18
N SER A 289 2.02 17.25 -7.49
CA SER A 289 2.35 16.09 -6.65
C SER A 289 1.52 16.03 -5.36
N VAL A 290 1.05 14.86 -4.97
CA VAL A 290 0.27 14.71 -3.73
C VAL A 290 0.95 13.74 -2.79
N VAL A 291 2.26 13.56 -2.90
CA VAL A 291 2.90 12.46 -2.16
C VAL A 291 2.84 12.68 -0.65
N TRP A 292 2.79 13.92 -0.18
CA TRP A 292 2.74 14.13 1.29
C TRP A 292 1.34 13.85 1.80
N ASP A 293 0.26 14.29 1.15
CA ASP A 293 -1.11 13.89 1.47
C ASP A 293 -1.32 12.39 1.37
N GLN A 294 -0.71 11.74 0.37
CA GLN A 294 -0.82 10.30 0.20
C GLN A 294 -0.12 9.60 1.36
N ALA A 295 1.05 10.12 1.74
CA ALA A 295 1.77 9.48 2.84
C ALA A 295 1.00 9.64 4.16
N GLU A 296 0.43 10.83 4.34
CA GLU A 296 -0.37 11.08 5.55
C GLU A 296 -1.51 10.08 5.70
N ASN A 297 -2.20 9.76 4.60
CA ASN A 297 -3.33 8.85 4.60
C ASN A 297 -2.93 7.45 5.00
N ARG A 298 -1.63 7.13 5.07
CA ARG A 298 -1.33 5.82 5.68
C ARG A 298 -1.81 5.78 7.15
N LEU A 299 -1.61 6.87 7.86
CA LEU A 299 -2.06 6.98 9.26
C LEU A 299 -3.56 6.83 9.35
N HIS A 300 -4.31 7.65 8.59
CA HIS A 300 -5.77 7.57 8.71
C HIS A 300 -6.34 6.24 8.25
N ALA A 301 -5.86 5.68 7.13
CA ALA A 301 -6.43 4.40 6.69
C ALA A 301 -6.07 3.26 7.61
N GLN A 302 -4.85 3.30 8.18
CA GLN A 302 -4.47 2.20 9.06
C GLN A 302 -5.19 2.34 10.40
N LYS A 303 -5.44 3.58 10.82
CA LYS A 303 -6.23 3.73 12.04
C LYS A 303 -7.59 3.08 11.85
N ALA A 304 -8.19 3.28 10.66
CA ALA A 304 -9.45 2.66 10.30
C ALA A 304 -9.35 1.14 10.33
N VAL A 305 -8.33 0.60 9.64
CA VAL A 305 -8.13 -0.85 9.70
C VAL A 305 -8.09 -1.39 11.12
N LEU A 306 -7.24 -0.80 11.97
CA LEU A 306 -7.03 -1.31 13.33
C LEU A 306 -8.31 -1.27 14.15
N ALA A 307 -9.03 -0.15 14.12
CA ALA A 307 -10.27 -0.01 14.85
C ALA A 307 -11.30 -1.01 14.39
N LEU A 308 -11.31 -1.25 13.08
CA LEU A 308 -12.28 -2.18 12.52
C LEU A 308 -11.91 -3.63 12.77
N VAL A 309 -10.63 -4.03 12.70
CA VAL A 309 -10.36 -5.46 12.87
C VAL A 309 -10.18 -5.81 14.35
N MET A 310 -9.81 -4.85 15.19
CA MET A 310 -9.63 -5.16 16.61
C MET A 310 -10.73 -4.57 17.48
N GLY A 311 -11.54 -3.72 16.87
CA GLY A 311 -12.57 -3.03 17.61
C GLY A 311 -13.92 -3.73 17.55
N GLY A 312 -14.28 -4.24 16.38
CA GLY A 312 -15.47 -5.08 16.28
C GLY A 312 -15.27 -6.31 17.17
N ILE A 313 -15.46 -6.12 18.48
CA ILE A 313 -15.02 -7.16 19.40
C ILE A 313 -16.16 -8.04 19.90
N LYS A 314 -15.79 -9.30 20.13
CA LYS A 314 -16.68 -10.39 20.50
C LYS A 314 -15.99 -11.48 21.32
#